data_6WNA
#
_entry.id   6WNA
#
_cell.length_a   68.095
_cell.length_b   122.096
_cell.length_c   179.446
_cell.angle_alpha   90.000
_cell.angle_beta   90.000
_cell.angle_gamma   90.000
#
_symmetry.space_group_name_H-M   'C 2 2 21'
#
loop_
_entity.id
_entity.type
_entity.pdbx_description
1 polymer 'IgG receptor FcRn large subunit p51'
2 polymer Beta-2-microglobulin
3 polymer 'Immunoglobulin heavy constant gamma 4'
4 branched beta-D-galactopyranose-(1-4)-2-acetamido-2-deoxy-beta-D-glucopyranose-(1-2)-alpha-D-mannopyranose-(1-6)-[2-acetamido-2-deoxy-beta-D-glucopyranose-(1-2)-alpha-D-mannopyranose-(1-3)]beta-D-mannopyranose-(1-4)-2-acetamido-2-deoxy-beta-D-glucopyranose-(1-4)-[alpha-L-fucopyranose-(1-6)]2-acetamido-2-deoxy-beta-D-glucopyranose
5 water water
#
loop_
_entity_poly.entity_id
_entity_poly.type
_entity_poly.pdbx_seq_one_letter_code
_entity_poly.pdbx_strand_id
1 'polypeptide(L)'
;HLSLLYHLTAVSSPAPGTPAFWVSGWLGPQQYLSYNSLRGEAEPCGAWVWENQVSWYWEKETTDLRIKEKLFLEAFKALG
GKGPYTLQGLLGCELGPDNTSVPTAKFALNGEEFMNFDLKQGTWGGDWPEALAISQRWQQQDKAANKELTFLLFSCPHRL
REHLERGRGNLEWKEPPSMRLKARPSSPGFSVLTCSAFSFYPPELQLRFLRNGLAAGTGQGDFGPNSDGSFHASSSLTVK
SGDEHHYCCIVQHAGLAQPLRVEL
;
A
2 'polypeptide(L)'
;IQRTPKIQVYSRHPAENGKSNFLNCYVSGFHPSDIEVDLLKNGERIEKVEHSDLSFSKDWSFYLLYYTEFTPTEKDEYAC
RVNHVTLSQPKIVKWDRDM
;
B
3 'polypeptide(L)'
;PSVFLFPPKPKDTLYITREPEVTCVVVDVSQEDPEVQFNWYVDGVEVHNAKTKPREEQFNSTYRVVSVLTVLHQDWLNGK
EYKCKVSNKGLPSSIEKTISKAKGQPREPQVYTFPPEQEEMTKNQVSLRCLVKGFYPSDIAVEWESNGQPENNYKTTKPV
LDSDGSFRLESRLTVDKSRWQEGNVFSCSVMHEALHNHYTQKSLSLS
;
H
#
loop_
_chem_comp.id
_chem_comp.type
_chem_comp.name
_chem_comp.formula
BMA D-saccharide, beta linking beta-D-mannopyranose 'C6 H12 O6'
FUC L-saccharide, alpha linking alpha-L-fucopyranose 'C6 H12 O5'
GAL D-saccharide, beta linking beta-D-galactopyranose 'C6 H12 O6'
MAN D-saccharide, alpha linking alpha-D-mannopyranose 'C6 H12 O6'
NAG D-saccharide, beta linking 2-acetamido-2-deoxy-beta-D-glucopyranose 'C8 H15 N O6'
#
# COMPACT_ATOMS: atom_id res chain seq x y z
N HIS A 1 10.51 15.04 18.00
CA HIS A 1 9.20 15.70 17.63
C HIS A 1 8.09 14.64 17.62
N LEU A 2 7.49 14.36 18.79
CA LEU A 2 6.56 13.21 19.02
C LEU A 2 5.20 13.44 18.34
N SER A 3 4.59 12.36 17.83
CA SER A 3 3.37 12.40 16.98
C SER A 3 2.27 11.48 17.55
N LEU A 4 1.01 11.89 17.37
CA LEU A 4 -0.22 11.11 17.65
C LEU A 4 -0.89 10.84 16.30
N LEU A 5 -0.88 9.59 15.82
CA LEU A 5 -1.42 9.22 14.49
C LEU A 5 -2.38 8.04 14.67
N TYR A 6 -3.59 8.23 14.16
CA TYR A 6 -4.63 7.18 14.03
C TYR A 6 -4.43 6.54 12.67
N HIS A 7 -4.41 5.21 12.64
CA HIS A 7 -4.40 4.37 11.42
C HIS A 7 -5.79 3.77 11.30
N LEU A 8 -6.63 4.27 10.41
CA LEU A 8 -8.04 3.80 10.29
C LEU A 8 -8.17 2.98 9.03
N THR A 9 -8.96 1.90 9.07
CA THR A 9 -9.18 0.97 7.94
C THR A 9 -10.64 0.51 7.94
N ALA A 10 -11.32 0.67 6.79
CA ALA A 10 -12.65 0.09 6.49
C ALA A 10 -12.53 -0.81 5.27
N VAL A 11 -13.26 -1.93 5.27
CA VAL A 11 -13.38 -2.83 4.09
C VAL A 11 -14.87 -3.10 3.80
N SER A 12 -15.21 -3.19 2.52
CA SER A 12 -16.60 -3.32 2.03
C SER A 12 -17.09 -4.76 2.23
N SER A 13 -16.17 -5.72 2.42
CA SER A 13 -16.46 -7.17 2.62
C SER A 13 -15.55 -7.75 3.69
N PRO A 14 -15.81 -7.50 4.99
CA PRO A 14 -15.01 -8.13 6.04
C PRO A 14 -15.20 -9.65 6.03
N ALA A 15 -14.12 -10.42 6.18
CA ALA A 15 -14.17 -11.87 6.43
C ALA A 15 -15.02 -12.11 7.67
N PRO A 16 -15.81 -13.20 7.68
CA PRO A 16 -16.59 -13.61 8.86
C PRO A 16 -15.97 -13.38 10.25
N GLY A 17 -16.68 -12.63 11.12
CA GLY A 17 -16.29 -12.36 12.52
C GLY A 17 -15.07 -11.44 12.65
N THR A 18 -14.74 -10.67 11.61
CA THR A 18 -13.73 -9.59 11.64
C THR A 18 -14.47 -8.27 11.40
N PRO A 19 -13.96 -7.13 11.91
CA PRO A 19 -14.67 -5.85 11.78
C PRO A 19 -14.55 -5.22 10.38
N ALA A 20 -15.60 -4.51 9.98
CA ALA A 20 -15.70 -3.73 8.72
C ALA A 20 -14.84 -2.45 8.84
N PHE A 21 -14.53 -2.05 10.07
CA PHE A 21 -13.82 -0.79 10.40
C PHE A 21 -13.07 -0.99 11.72
N TRP A 22 -11.78 -0.69 11.73
CA TRP A 22 -10.94 -0.73 12.96
C TRP A 22 -9.83 0.35 12.88
N VAL A 23 -9.38 0.78 14.07
CA VAL A 23 -8.46 1.94 14.26
C VAL A 23 -7.43 1.56 15.32
N SER A 24 -6.16 1.79 15.03
CA SER A 24 -5.07 1.74 16.03
C SER A 24 -4.52 3.16 16.16
N GLY A 25 -4.26 3.57 17.40
CA GLY A 25 -3.75 4.91 17.74
C GLY A 25 -2.35 4.82 18.28
N TRP A 26 -1.47 5.72 17.82
CA TRP A 26 -0.01 5.65 18.06
C TRP A 26 0.53 6.98 18.59
N LEU A 27 1.21 6.93 19.73
CA LEU A 27 2.06 8.04 20.24
C LEU A 27 3.50 7.63 19.94
N GLY A 28 4.11 8.32 18.98
CA GLY A 28 5.32 7.83 18.32
C GLY A 28 5.12 6.38 17.91
N PRO A 29 6.07 5.46 18.24
CA PRO A 29 5.98 4.08 17.80
C PRO A 29 5.22 3.13 18.73
N GLN A 30 4.53 3.61 19.77
CA GLN A 30 3.74 2.74 20.69
C GLN A 30 2.27 2.84 20.34
N GLN A 31 1.55 1.72 20.35
CA GLN A 31 0.08 1.71 20.21
C GLN A 31 -0.52 2.09 21.56
N TYR A 32 -1.27 3.18 21.62
CA TYR A 32 -1.99 3.58 22.86
C TYR A 32 -3.49 3.25 22.77
N LEU A 33 -4.04 3.03 21.57
CA LEU A 33 -5.51 3.00 21.35
C LEU A 33 -5.91 1.89 20.37
N SER A 34 -7.01 1.22 20.69
CA SER A 34 -7.64 0.21 19.83
C SER A 34 -9.14 0.48 19.79
N TYR A 35 -9.72 0.42 18.60
CA TYR A 35 -11.17 0.51 18.34
C TYR A 35 -11.53 -0.38 17.14
N ASN A 36 -12.67 -1.08 17.20
CA ASN A 36 -13.23 -1.84 16.06
C ASN A 36 -14.76 -1.68 16.03
N SER A 37 -15.39 -1.91 14.87
CA SER A 37 -16.86 -1.78 14.64
C SER A 37 -17.68 -2.79 15.44
N LEU A 38 -17.12 -3.94 15.84
CA LEU A 38 -17.89 -5.02 16.54
C LEU A 38 -18.09 -4.64 18.02
N ARG A 39 -17.02 -4.27 18.73
CA ARG A 39 -17.06 -3.85 20.15
C ARG A 39 -17.60 -2.40 20.27
N GLY A 40 -17.17 -1.52 19.37
CA GLY A 40 -17.69 -0.15 19.26
C GLY A 40 -17.15 0.79 20.33
N GLU A 41 -16.02 0.44 20.95
CA GLU A 41 -15.44 1.15 22.13
C GLU A 41 -13.93 1.36 21.94
N ALA A 42 -13.45 2.60 21.98
CA ALA A 42 -12.01 2.92 22.07
C ALA A 42 -11.49 2.46 23.44
N GLU A 43 -10.32 1.82 23.47
CA GLU A 43 -9.72 1.22 24.69
C GLU A 43 -8.22 1.53 24.71
N PRO A 44 -7.62 1.76 25.90
CA PRO A 44 -6.17 1.88 26.04
C PRO A 44 -5.47 0.55 25.75
N CYS A 45 -4.23 0.57 25.27
CA CYS A 45 -3.44 -0.65 24.94
C CYS A 45 -2.18 -0.68 25.81
N GLY A 46 -1.87 -1.85 26.36
CA GLY A 46 -0.70 -2.09 27.24
C GLY A 46 -0.60 -1.08 28.37
N ALA A 47 0.50 -0.31 28.38
CA ALA A 47 0.97 0.56 29.48
C ALA A 47 0.01 1.73 29.67
N TRP A 48 -0.67 2.15 28.61
CA TRP A 48 -1.63 3.29 28.62
C TRP A 48 -2.89 2.91 29.40
N VAL A 49 -3.05 1.63 29.74
CA VAL A 49 -4.20 1.07 30.52
C VAL A 49 -4.26 1.73 31.90
N TRP A 50 -3.13 2.19 32.43
CA TRP A 50 -3.05 2.83 33.76
C TRP A 50 -2.31 4.17 33.67
N GLU A 51 -2.33 4.80 32.50
CA GLU A 51 -2.01 6.25 32.34
C GLU A 51 -2.83 7.02 33.37
N ASN A 52 -2.20 7.98 34.05
CA ASN A 52 -2.87 8.96 34.95
C ASN A 52 -3.85 9.81 34.10
N GLN A 53 -5.00 9.25 33.73
CA GLN A 53 -5.87 9.84 32.66
C GLN A 53 -7.20 10.28 33.27
N VAL A 54 -7.84 11.27 32.65
CA VAL A 54 -9.16 11.85 33.03
C VAL A 54 -10.27 10.84 32.71
N SER A 55 -11.43 10.99 33.35
CA SER A 55 -12.52 9.98 33.47
C SER A 55 -13.34 9.82 32.19
N TRP A 56 -13.31 10.81 31.29
CA TRP A 56 -14.16 10.90 30.08
C TRP A 56 -13.32 10.79 28.78
N TYR A 57 -11.99 10.68 28.89
CA TYR A 57 -11.03 10.68 27.74
C TYR A 57 -11.43 9.58 26.75
N TRP A 58 -11.65 8.38 27.24
CA TRP A 58 -11.97 7.18 26.43
C TRP A 58 -13.38 7.26 25.82
N GLU A 59 -14.33 7.87 26.52
CA GLU A 59 -15.70 8.10 26.00
C GLU A 59 -15.63 9.04 24.78
N LYS A 60 -14.75 10.03 24.82
CA LYS A 60 -14.61 11.09 23.79
C LYS A 60 -13.82 10.52 22.58
N GLU A 61 -12.81 9.67 22.81
CA GLU A 61 -12.15 8.91 21.72
C GLU A 61 -13.19 8.04 21.02
N THR A 62 -14.07 7.38 21.79
CA THR A 62 -15.11 6.46 21.23
C THR A 62 -16.06 7.26 20.34
N THR A 63 -16.56 8.38 20.85
CA THR A 63 -17.52 9.26 20.15
C THR A 63 -16.91 9.59 18.78
N ASP A 64 -15.66 10.06 18.75
CA ASP A 64 -15.02 10.56 17.49
C ASP A 64 -14.86 9.42 16.49
N LEU A 65 -14.50 8.22 16.96
CA LEU A 65 -14.11 7.10 16.07
C LEU A 65 -15.38 6.43 15.50
N ARG A 66 -16.53 6.53 16.20
CA ARG A 66 -17.85 6.08 15.69
C ARG A 66 -18.31 6.95 14.53
N ILE A 67 -18.15 8.27 14.62
CA ILE A 67 -18.43 9.23 13.51
C ILE A 67 -17.56 8.88 12.30
N LYS A 68 -16.30 8.54 12.51
CA LYS A 68 -15.38 8.12 11.44
C LYS A 68 -15.81 6.77 10.85
N GLU A 69 -16.27 5.83 11.71
CA GLU A 69 -16.82 4.52 11.28
C GLU A 69 -17.91 4.79 10.23
N LYS A 70 -18.89 5.62 10.58
CA LYS A 70 -20.05 5.91 9.70
C LYS A 70 -19.55 6.58 8.41
N LEU A 71 -18.68 7.57 8.55
CA LEU A 71 -18.08 8.30 7.41
C LEU A 71 -17.37 7.32 6.46
N PHE A 72 -16.46 6.47 6.96
CA PHE A 72 -15.69 5.55 6.09
C PHE A 72 -16.63 4.61 5.33
N LEU A 73 -17.73 4.18 5.95
CA LEU A 73 -18.67 3.21 5.33
C LEU A 73 -19.58 3.94 4.33
N GLU A 74 -19.78 5.24 4.50
CA GLU A 74 -20.54 6.06 3.52
C GLU A 74 -19.72 6.11 2.22
N ALA A 75 -18.40 6.23 2.35
CA ALA A 75 -17.46 6.39 1.21
C ALA A 75 -17.68 5.27 0.18
N PHE A 76 -17.89 4.04 0.63
CA PHE A 76 -18.13 2.90 -0.29
C PHE A 76 -19.36 3.19 -1.14
N LYS A 77 -20.42 3.72 -0.53
CA LYS A 77 -21.68 4.03 -1.26
C LYS A 77 -21.41 4.99 -2.42
N ALA A 78 -20.47 5.95 -2.26
CA ALA A 78 -20.11 6.97 -3.28
C ALA A 78 -19.31 6.35 -4.43
N LEU A 79 -18.71 5.17 -4.25
CA LEU A 79 -17.91 4.50 -5.32
C LEU A 79 -18.82 3.65 -6.21
N GLY A 80 -19.90 3.05 -5.66
CA GLY A 80 -20.78 2.09 -6.34
C GLY A 80 -19.98 1.04 -7.10
N GLY A 81 -19.50 1.40 -8.30
CA GLY A 81 -18.43 0.72 -9.07
C GLY A 81 -18.49 -0.79 -8.95
N LYS A 82 -17.32 -1.43 -8.76
CA LYS A 82 -17.13 -2.90 -8.82
C LYS A 82 -15.89 -3.29 -8.00
N GLY A 83 -15.72 -4.60 -7.74
CA GLY A 83 -14.71 -5.18 -6.85
C GLY A 83 -15.06 -4.88 -5.40
N PRO A 84 -14.33 -5.46 -4.41
CA PRO A 84 -14.35 -4.98 -3.02
C PRO A 84 -13.32 -3.87 -2.78
N TYR A 85 -13.52 -3.09 -1.72
CA TYR A 85 -12.76 -1.84 -1.48
C TYR A 85 -12.16 -1.85 -0.07
N THR A 86 -10.96 -1.26 0.04
CA THR A 86 -10.28 -0.90 1.31
C THR A 86 -10.02 0.61 1.33
N LEU A 87 -10.63 1.31 2.29
CA LEU A 87 -10.33 2.73 2.58
C LEU A 87 -9.53 2.76 3.88
N GLN A 88 -8.33 3.32 3.79
CA GLN A 88 -7.41 3.59 4.91
C GLN A 88 -7.21 5.10 5.06
N GLY A 89 -7.00 5.55 6.30
CA GLY A 89 -6.79 6.96 6.68
C GLY A 89 -5.62 7.07 7.63
N LEU A 90 -4.78 8.09 7.46
CA LEU A 90 -3.69 8.39 8.41
C LEU A 90 -3.94 9.82 8.91
N LEU A 91 -4.57 9.92 10.07
CA LEU A 91 -5.03 11.21 10.64
C LEU A 91 -4.29 11.41 11.96
N GLY A 92 -3.66 12.56 12.11
CA GLY A 92 -3.07 12.94 13.39
C GLY A 92 -2.33 14.26 13.31
N CYS A 93 -1.45 14.46 14.28
CA CYS A 93 -0.69 15.70 14.49
C CYS A 93 0.65 15.38 15.16
N GLU A 94 1.54 16.36 15.10
CA GLU A 94 2.92 16.33 15.63
C GLU A 94 3.19 17.76 16.11
N LEU A 95 3.93 17.93 17.22
CA LEU A 95 4.16 19.28 17.81
C LEU A 95 5.33 19.95 17.06
N GLY A 96 5.20 21.27 16.83
CA GLY A 96 6.18 22.14 16.14
C GLY A 96 6.75 23.19 17.08
N PRO A 97 8.05 23.58 16.91
CA PRO A 97 8.83 24.15 18.00
C PRO A 97 8.09 25.18 18.89
N ASP A 98 7.36 26.13 18.30
CA ASP A 98 6.80 27.34 18.99
C ASP A 98 5.33 27.12 19.40
N ASN A 99 5.04 26.00 20.10
CA ASN A 99 3.67 25.59 20.54
C ASN A 99 2.71 25.66 19.34
N THR A 100 3.13 25.05 18.22
CA THR A 100 2.34 24.89 16.97
C THR A 100 2.13 23.39 16.70
N SER A 101 0.99 23.03 16.10
CA SER A 101 0.68 21.62 15.70
C SER A 101 0.67 21.48 14.18
N VAL A 102 1.50 20.57 13.66
CA VAL A 102 1.62 20.19 12.23
C VAL A 102 0.75 18.95 12.01
N PRO A 103 -0.32 19.02 11.17
CA PRO A 103 -1.28 17.94 11.02
C PRO A 103 -1.00 16.99 9.85
N THR A 104 -1.57 15.79 9.89
CA THR A 104 -1.55 14.79 8.78
C THR A 104 -2.96 14.29 8.55
N ALA A 105 -3.38 14.23 7.30
CA ALA A 105 -4.73 13.76 6.91
C ALA A 105 -4.68 13.19 5.49
N LYS A 106 -4.19 11.97 5.32
CA LYS A 106 -4.11 11.28 4.01
C LYS A 106 -5.02 10.04 4.03
N PHE A 107 -5.44 9.62 2.84
CA PHE A 107 -6.31 8.45 2.63
C PHE A 107 -5.78 7.62 1.47
N ALA A 108 -6.09 6.32 1.50
CA ALA A 108 -5.72 5.37 0.44
C ALA A 108 -6.90 4.43 0.17
N LEU A 109 -7.07 4.14 -1.12
CA LEU A 109 -8.12 3.26 -1.68
C LEU A 109 -7.35 2.10 -2.34
N ASN A 110 -7.78 0.86 -2.05
CA ASN A 110 -7.10 -0.41 -2.43
C ASN A 110 -5.57 -0.23 -2.36
N GLY A 111 -5.05 0.26 -1.25
CA GLY A 111 -3.60 0.26 -0.93
C GLY A 111 -2.82 1.44 -1.50
N GLU A 112 -3.48 2.37 -2.19
CA GLU A 112 -2.79 3.50 -2.89
C GLU A 112 -3.37 4.84 -2.45
N GLU A 113 -2.50 5.77 -2.10
CA GLU A 113 -2.85 7.14 -1.70
C GLU A 113 -3.67 7.81 -2.82
N PHE A 114 -4.79 8.47 -2.50
CA PHE A 114 -5.69 9.10 -3.51
C PHE A 114 -6.31 10.41 -3.03
N MET A 115 -6.26 10.72 -1.73
CA MET A 115 -7.09 11.82 -1.14
C MET A 115 -6.43 12.32 0.14
N ASN A 116 -6.68 13.58 0.47
CA ASN A 116 -6.22 14.22 1.72
C ASN A 116 -7.28 15.23 2.14
N PHE A 117 -7.24 15.63 3.39
CA PHE A 117 -8.03 16.75 3.93
C PHE A 117 -7.11 17.96 4.04
N ASP A 118 -7.50 19.05 3.39
CA ASP A 118 -6.78 20.35 3.40
C ASP A 118 -7.23 21.13 4.64
N LEU A 119 -6.36 21.28 5.62
CA LEU A 119 -6.74 21.91 6.90
C LEU A 119 -6.88 23.42 6.74
N LYS A 120 -6.18 24.07 5.82
CA LYS A 120 -6.38 25.51 5.53
C LYS A 120 -7.79 25.74 4.97
N GLN A 121 -8.30 24.84 4.14
CA GLN A 121 -9.56 25.04 3.37
C GLN A 121 -10.75 24.32 4.03
N GLY A 122 -10.51 23.27 4.81
CA GLY A 122 -11.59 22.46 5.41
C GLY A 122 -12.27 21.58 4.39
N THR A 123 -11.51 21.02 3.45
CA THR A 123 -12.05 20.21 2.33
C THR A 123 -11.17 18.99 2.04
N TRP A 124 -11.84 17.91 1.72
CA TRP A 124 -11.27 16.68 1.11
C TRP A 124 -11.01 16.91 -0.38
N GLY A 125 -9.94 16.31 -0.89
CA GLY A 125 -9.50 16.44 -2.29
C GLY A 125 -8.31 15.56 -2.59
N GLY A 126 -8.13 15.28 -3.87
CA GLY A 126 -7.02 14.52 -4.44
C GLY A 126 -7.08 14.58 -5.94
N ASP A 127 -6.14 13.93 -6.63
CA ASP A 127 -5.93 14.02 -8.09
C ASP A 127 -6.88 13.06 -8.82
N TRP A 128 -7.74 12.32 -8.12
CA TRP A 128 -8.36 11.07 -8.59
C TRP A 128 -9.88 11.21 -8.68
N PRO A 129 -10.54 10.52 -9.65
CA PRO A 129 -12.00 10.55 -9.74
C PRO A 129 -12.63 10.06 -8.43
N GLU A 130 -11.97 9.13 -7.72
CA GLU A 130 -12.60 8.50 -6.52
C GLU A 130 -12.52 9.48 -5.34
N ALA A 131 -11.48 10.32 -5.31
CA ALA A 131 -11.35 11.46 -4.37
C ALA A 131 -12.51 12.46 -4.59
N LEU A 132 -12.89 12.75 -5.84
CA LEU A 132 -14.02 13.67 -6.13
C LEU A 132 -15.30 13.04 -5.56
N ALA A 133 -15.57 11.78 -5.89
CA ALA A 133 -16.77 11.06 -5.43
C ALA A 133 -16.83 11.04 -3.89
N ILE A 134 -15.76 10.61 -3.20
CA ILE A 134 -15.82 10.48 -1.72
C ILE A 134 -15.84 11.88 -1.10
N SER A 135 -15.02 12.83 -1.56
CA SER A 135 -15.02 14.21 -0.99
C SER A 135 -16.44 14.79 -1.08
N GLN A 136 -17.10 14.65 -2.23
CA GLN A 136 -18.43 15.26 -2.47
C GLN A 136 -19.43 14.66 -1.49
N ARG A 137 -19.46 13.33 -1.34
CA ARG A 137 -20.37 12.64 -0.39
C ARG A 137 -20.12 13.14 1.04
N TRP A 138 -18.87 13.17 1.45
CA TRP A 138 -18.46 13.62 2.80
C TRP A 138 -18.79 15.10 3.00
N GLN A 139 -18.38 15.96 2.05
CA GLN A 139 -18.39 17.44 2.20
C GLN A 139 -19.85 17.89 2.37
N GLN A 140 -20.78 17.14 1.78
CA GLN A 140 -22.24 17.42 1.75
C GLN A 140 -22.92 16.91 3.02
N GLN A 141 -22.38 15.88 3.65
CA GLN A 141 -22.91 15.33 4.93
C GLN A 141 -22.74 16.42 6.00
N ASP A 142 -23.81 16.70 6.76
CA ASP A 142 -23.92 17.87 7.68
C ASP A 142 -22.83 17.75 8.75
N LYS A 143 -21.90 18.70 8.72
CA LYS A 143 -20.85 18.99 9.75
C LYS A 143 -19.69 17.98 9.68
N ALA A 144 -19.61 17.14 8.65
CA ALA A 144 -18.49 16.18 8.47
C ALA A 144 -17.15 16.94 8.45
N ALA A 145 -17.06 17.95 7.59
CA ALA A 145 -15.79 18.69 7.37
C ALA A 145 -15.41 19.40 8.68
N ASN A 146 -16.39 19.93 9.41
CA ASN A 146 -16.15 20.64 10.69
C ASN A 146 -15.60 19.67 11.74
N LYS A 147 -16.17 18.46 11.87
CA LYS A 147 -15.68 17.47 12.88
C LYS A 147 -14.29 16.96 12.47
N GLU A 148 -14.04 16.80 11.17
CA GLU A 148 -12.68 16.47 10.65
C GLU A 148 -11.74 17.61 11.05
N LEU A 149 -12.12 18.85 10.77
CA LEU A 149 -11.29 20.03 11.14
C LEU A 149 -11.00 19.97 12.64
N THR A 150 -12.01 19.71 13.45
CA THR A 150 -11.96 19.80 14.94
C THR A 150 -11.07 18.69 15.49
N PHE A 151 -11.24 17.48 14.95
CA PHE A 151 -10.52 16.25 15.32
C PHE A 151 -9.01 16.49 15.20
N LEU A 152 -8.61 17.22 14.16
CA LEU A 152 -7.19 17.43 13.78
C LEU A 152 -6.62 18.69 14.44
N LEU A 153 -7.37 19.80 14.51
CA LEU A 153 -6.84 21.13 14.93
C LEU A 153 -7.08 21.37 16.43
N PHE A 154 -8.17 20.83 16.99
CA PHE A 154 -8.46 20.89 18.44
C PHE A 154 -8.10 19.57 19.15
N SER A 155 -8.80 18.47 18.85
CA SER A 155 -8.73 17.23 19.67
C SER A 155 -7.33 16.61 19.64
N CYS A 156 -6.72 16.45 18.46
CA CYS A 156 -5.40 15.78 18.33
C CYS A 156 -4.31 16.54 19.11
N PRO A 157 -4.15 17.87 18.96
CA PRO A 157 -3.15 18.60 19.75
C PRO A 157 -3.38 18.57 21.27
N HIS A 158 -4.62 18.66 21.74
CA HIS A 158 -4.94 18.59 23.20
C HIS A 158 -4.59 17.19 23.72
N ARG A 159 -5.07 16.15 23.04
CA ARG A 159 -4.78 14.73 23.36
C ARG A 159 -3.26 14.53 23.43
N LEU A 160 -2.52 14.99 22.44
CA LEU A 160 -1.04 14.84 22.40
C LEU A 160 -0.43 15.49 23.65
N ARG A 161 -0.83 16.71 24.01
CA ARG A 161 -0.21 17.47 25.12
C ARG A 161 -0.55 16.77 26.44
N GLU A 162 -1.79 16.31 26.59
CA GLU A 162 -2.25 15.56 27.78
C GLU A 162 -1.42 14.27 27.94
N HIS A 163 -1.15 13.55 26.85
CA HIS A 163 -0.35 12.28 26.88
C HIS A 163 1.10 12.55 27.28
N LEU A 164 1.71 13.65 26.79
CA LEU A 164 3.05 14.14 27.22
C LEU A 164 3.09 14.45 28.72
N GLU A 165 2.06 15.08 29.27
CA GLU A 165 1.99 15.39 30.73
C GLU A 165 1.73 14.11 31.53
N ARG A 166 0.73 13.33 31.14
CA ARG A 166 0.15 12.23 31.96
C ARG A 166 0.87 10.90 31.70
N GLY A 167 1.54 10.74 30.56
CA GLY A 167 2.18 9.46 30.19
C GLY A 167 3.64 9.66 29.83
N ARG A 168 4.30 10.66 30.39
CA ARG A 168 5.69 11.06 30.04
C ARG A 168 6.56 9.79 30.16
N GLY A 169 6.41 9.10 31.28
CA GLY A 169 7.10 7.82 31.55
C GLY A 169 7.12 6.92 30.33
N ASN A 170 5.93 6.49 29.89
CA ASN A 170 5.70 5.55 28.76
C ASN A 170 6.60 5.91 27.56
N LEU A 171 6.83 7.19 27.30
CA LEU A 171 7.49 7.68 26.06
C LEU A 171 9.01 7.82 26.24
N GLU A 172 9.48 7.90 27.48
CA GLU A 172 10.91 8.07 27.84
C GLU A 172 11.55 6.72 28.20
N TRP A 173 10.74 5.67 28.34
CA TRP A 173 11.15 4.27 28.59
C TRP A 173 12.31 3.90 27.66
N LYS A 174 13.40 3.38 28.24
CA LYS A 174 14.65 2.99 27.53
C LYS A 174 15.04 1.58 27.97
N GLU A 175 14.82 0.60 27.09
CA GLU A 175 15.24 -0.80 27.31
C GLU A 175 16.28 -1.16 26.25
N PRO A 176 17.56 -1.21 26.62
CA PRO A 176 18.60 -1.56 25.66
C PRO A 176 18.48 -3.04 25.32
N PRO A 177 18.95 -3.47 24.13
CA PRO A 177 18.86 -4.86 23.72
C PRO A 177 19.78 -5.83 24.46
N SER A 178 19.32 -7.08 24.64
CA SER A 178 20.20 -8.27 24.85
C SER A 178 20.78 -8.69 23.49
N MET A 179 22.07 -8.98 23.41
CA MET A 179 22.76 -9.25 22.11
C MET A 179 23.22 -10.70 22.02
N ARG A 180 23.11 -11.28 20.82
CA ARG A 180 23.77 -12.54 20.40
C ARG A 180 24.47 -12.35 19.06
N LEU A 181 25.58 -13.06 18.87
CA LEU A 181 26.37 -13.07 17.62
C LEU A 181 26.80 -14.51 17.34
N LYS A 182 26.11 -15.18 16.42
CA LYS A 182 26.29 -16.61 16.10
C LYS A 182 26.73 -16.73 14.63
N ALA A 183 27.49 -17.78 14.33
CA ALA A 183 28.01 -18.11 12.98
C ALA A 183 27.48 -19.49 12.61
N ARG A 184 26.89 -19.62 11.43
CA ARG A 184 26.31 -20.88 10.89
C ARG A 184 26.98 -21.16 9.54
N PRO A 185 27.39 -22.42 9.25
CA PRO A 185 27.82 -22.77 7.90
C PRO A 185 26.65 -22.58 6.92
N SER A 186 26.89 -21.92 5.79
CA SER A 186 25.91 -21.71 4.68
C SER A 186 26.34 -22.54 3.46
N SER A 187 27.25 -21.99 2.64
CA SER A 187 27.89 -22.68 1.49
C SER A 187 29.29 -23.14 1.88
N PRO A 188 29.73 -24.32 1.38
CA PRO A 188 31.13 -24.73 1.49
C PRO A 188 32.12 -23.58 1.18
N GLY A 189 32.90 -23.18 2.18
CA GLY A 189 33.89 -22.10 2.11
C GLY A 189 33.41 -20.85 2.83
N PHE A 190 32.16 -20.85 3.32
CA PHE A 190 31.41 -19.65 3.76
C PHE A 190 30.51 -19.95 4.97
N SER A 191 30.39 -18.94 5.85
CA SER A 191 29.45 -18.92 7.00
C SER A 191 28.62 -17.63 6.97
N VAL A 192 27.41 -17.72 7.53
CA VAL A 192 26.52 -16.54 7.80
C VAL A 192 26.73 -16.12 9.25
N LEU A 193 27.16 -14.87 9.45
CA LEU A 193 27.31 -14.20 10.77
C LEU A 193 26.04 -13.40 11.06
N THR A 194 25.23 -13.85 12.03
CA THR A 194 24.01 -13.13 12.43
C THR A 194 24.20 -12.44 13.79
N CYS A 195 24.06 -11.13 13.76
CA CYS A 195 24.00 -10.26 14.95
C CYS A 195 22.53 -10.01 15.28
N SER A 196 22.12 -10.32 16.50
CA SER A 196 20.71 -10.24 16.96
C SER A 196 20.62 -9.37 18.21
N ALA A 197 19.69 -8.42 18.16
CA ALA A 197 19.27 -7.54 19.25
C ALA A 197 17.86 -7.94 19.69
N PHE A 198 17.70 -8.31 20.96
CA PHE A 198 16.40 -8.76 21.55
C PHE A 198 15.80 -7.70 22.48
N SER A 199 14.50 -7.49 22.38
CA SER A 199 13.65 -6.91 23.45
C SER A 199 14.13 -5.50 23.81
N PHE A 200 14.20 -4.62 22.81
CA PHE A 200 14.74 -3.25 22.98
C PHE A 200 13.65 -2.22 22.70
N TYR A 201 13.81 -1.05 23.32
CA TYR A 201 12.98 0.14 23.05
C TYR A 201 13.80 1.40 23.38
N PRO A 202 13.73 2.49 22.59
CA PRO A 202 12.92 2.59 21.36
C PRO A 202 13.47 1.84 20.15
N PRO A 203 12.72 1.84 19.02
CA PRO A 203 13.09 1.06 17.84
C PRO A 203 14.36 1.49 17.08
N GLU A 204 14.79 2.75 17.18
CA GLU A 204 16.00 3.20 16.43
C GLU A 204 17.19 2.39 16.97
N LEU A 205 17.79 1.54 16.13
CA LEU A 205 18.99 0.74 16.49
C LEU A 205 19.88 0.59 15.25
N GLN A 206 21.20 0.62 15.41
CA GLN A 206 22.15 0.46 14.29
C GLN A 206 23.05 -0.75 14.59
N LEU A 207 22.96 -1.81 13.76
CA LEU A 207 23.87 -2.98 13.77
C LEU A 207 24.88 -2.84 12.63
N ARG A 208 26.18 -2.91 12.92
CA ARG A 208 27.25 -3.00 11.90
C ARG A 208 28.33 -3.97 12.35
N PHE A 209 29.13 -4.47 11.39
CA PHE A 209 30.20 -5.47 11.61
C PHE A 209 31.58 -4.81 11.50
N LEU A 210 32.50 -5.22 12.38
CA LEU A 210 33.96 -4.96 12.26
C LEU A 210 34.67 -6.28 11.97
N ARG A 211 35.80 -6.21 11.24
CA ARG A 211 36.77 -7.33 11.03
C ARG A 211 38.17 -6.81 11.39
N ASN A 212 38.74 -7.33 12.49
CA ASN A 212 40.01 -6.85 13.11
C ASN A 212 39.93 -5.32 13.31
N GLY A 213 38.80 -4.83 13.81
CA GLY A 213 38.58 -3.41 14.17
C GLY A 213 38.39 -2.47 12.98
N LEU A 214 38.15 -3.01 11.78
CA LEU A 214 37.89 -2.21 10.55
C LEU A 214 36.45 -2.46 10.09
N ALA A 215 35.76 -1.41 9.65
CA ALA A 215 34.37 -1.47 9.15
C ALA A 215 34.27 -2.58 8.10
N ALA A 216 33.45 -3.60 8.34
CA ALA A 216 33.20 -4.73 7.41
C ALA A 216 31.76 -4.67 6.89
N GLY A 217 31.10 -3.50 7.00
CA GLY A 217 29.76 -3.25 6.46
C GLY A 217 28.64 -3.44 7.49
N THR A 218 27.42 -3.06 7.11
CA THR A 218 26.19 -3.12 7.95
C THR A 218 25.61 -4.54 7.94
N GLY A 219 25.83 -5.31 6.87
CA GLY A 219 25.10 -6.57 6.62
C GLY A 219 23.66 -6.30 6.18
N GLN A 220 22.83 -7.36 6.13
CA GLN A 220 21.44 -7.31 5.64
C GLN A 220 20.48 -7.49 6.83
N GLY A 221 19.72 -6.44 7.14
CA GLY A 221 19.00 -6.26 8.41
C GLY A 221 17.51 -6.52 8.26
N ASP A 222 16.91 -7.11 9.30
CA ASP A 222 15.45 -7.25 9.49
C ASP A 222 15.09 -6.63 10.84
N PHE A 223 13.81 -6.40 11.05
CA PHE A 223 13.27 -5.52 12.12
C PHE A 223 11.85 -5.98 12.40
N GLY A 224 11.42 -6.00 13.66
CA GLY A 224 10.04 -6.37 13.98
C GLY A 224 9.67 -6.09 15.43
N PRO A 225 8.37 -5.96 15.73
CA PRO A 225 7.91 -5.78 17.10
C PRO A 225 7.84 -7.11 17.85
N ASN A 226 7.77 -7.01 19.19
CA ASN A 226 7.46 -8.09 20.16
C ASN A 226 6.03 -7.86 20.66
N SER A 227 5.45 -8.76 21.46
CA SER A 227 4.04 -8.65 21.93
C SER A 227 3.84 -7.46 22.89
N ASP A 228 4.91 -6.98 23.52
CA ASP A 228 4.89 -6.02 24.67
C ASP A 228 5.33 -4.62 24.25
N GLY A 229 5.34 -4.33 22.94
CA GLY A 229 5.77 -3.01 22.42
C GLY A 229 7.28 -2.83 22.36
N SER A 230 8.07 -3.79 22.84
CA SER A 230 9.53 -3.84 22.58
C SER A 230 9.78 -4.32 21.14
N PHE A 231 11.04 -4.33 20.72
CA PHE A 231 11.44 -4.61 19.30
C PHE A 231 12.54 -5.65 19.25
N HIS A 232 12.70 -6.25 18.08
CA HIS A 232 13.75 -7.22 17.70
C HIS A 232 14.37 -6.78 16.37
N ALA A 233 15.66 -7.08 16.19
CA ALA A 233 16.39 -6.88 14.93
C ALA A 233 17.52 -7.91 14.84
N SER A 234 17.93 -8.22 13.61
CA SER A 234 19.14 -9.01 13.28
C SER A 234 19.73 -8.43 12.00
N SER A 235 21.03 -8.56 11.83
CA SER A 235 21.77 -8.28 10.58
C SER A 235 22.67 -9.49 10.29
N SER A 236 22.59 -10.05 9.09
CA SER A 236 23.44 -11.18 8.64
C SER A 236 24.51 -10.69 7.66
N LEU A 237 25.74 -11.17 7.83
CA LEU A 237 26.89 -10.99 6.90
C LEU A 237 27.45 -12.36 6.54
N THR A 238 27.61 -12.66 5.25
CA THR A 238 28.29 -13.88 4.75
C THR A 238 29.81 -13.67 4.84
N VAL A 239 30.54 -14.68 5.32
CA VAL A 239 31.97 -14.57 5.75
C VAL A 239 32.72 -15.85 5.34
N LYS A 240 34.04 -15.76 5.16
CA LYS A 240 34.94 -16.93 4.90
C LYS A 240 34.90 -17.86 6.12
N SER A 241 34.41 -19.09 6.00
CA SER A 241 34.47 -20.09 7.10
C SER A 241 35.95 -20.30 7.44
N GLY A 242 36.31 -20.22 8.71
CA GLY A 242 37.70 -20.12 9.18
C GLY A 242 38.12 -18.68 9.44
N ASP A 243 37.18 -17.73 9.37
CA ASP A 243 37.46 -16.28 9.53
C ASP A 243 36.52 -15.66 10.60
N GLU A 244 35.59 -16.45 11.14
CA GLU A 244 34.46 -15.96 11.98
C GLU A 244 34.99 -15.15 13.17
N HIS A 245 36.07 -15.60 13.82
CA HIS A 245 36.58 -15.05 15.10
C HIS A 245 37.26 -13.70 14.88
N HIS A 246 37.54 -13.29 13.64
CA HIS A 246 38.10 -11.94 13.32
C HIS A 246 36.99 -10.89 13.30
N TYR A 247 35.72 -11.30 13.25
CA TYR A 247 34.54 -10.40 13.15
C TYR A 247 33.92 -10.20 14.54
N CYS A 248 33.52 -8.97 14.84
CA CYS A 248 32.58 -8.65 15.93
C CYS A 248 31.43 -7.79 15.37
N CYS A 249 30.43 -7.51 16.21
CA CYS A 249 29.18 -6.76 15.88
C CYS A 249 29.03 -5.58 16.84
N ILE A 250 28.78 -4.38 16.32
CA ILE A 250 28.62 -3.14 17.14
C ILE A 250 27.16 -2.71 17.09
N VAL A 251 26.61 -2.27 18.22
CA VAL A 251 25.18 -1.84 18.31
C VAL A 251 25.13 -0.48 18.99
N GLN A 252 24.53 0.50 18.30
CA GLN A 252 24.16 1.85 18.81
C GLN A 252 22.67 1.84 19.16
N HIS A 253 22.33 2.39 20.33
CA HIS A 253 20.94 2.41 20.86
C HIS A 253 20.82 3.48 21.94
N ALA A 254 19.68 4.18 21.97
CA ALA A 254 19.41 5.31 22.90
C ALA A 254 19.55 4.84 24.35
N GLY A 255 19.24 3.56 24.60
CA GLY A 255 19.38 2.90 25.92
C GLY A 255 20.81 2.73 26.38
N LEU A 256 21.80 2.75 25.48
CA LEU A 256 23.22 2.44 25.81
C LEU A 256 24.05 3.73 25.81
N ALA A 257 24.77 4.02 26.89
CA ALA A 257 25.58 5.26 27.07
C ALA A 257 26.66 5.34 25.98
N GLN A 258 27.40 4.25 25.79
CA GLN A 258 28.43 4.07 24.73
C GLN A 258 28.07 2.85 23.88
N PRO A 259 28.53 2.79 22.61
CA PRO A 259 28.27 1.62 21.76
C PRO A 259 28.82 0.34 22.41
N LEU A 260 28.15 -0.78 22.13
CA LEU A 260 28.42 -2.09 22.75
C LEU A 260 28.98 -3.01 21.67
N ARG A 261 30.19 -3.54 21.87
CA ARG A 261 30.86 -4.50 20.94
C ARG A 261 30.46 -5.92 21.35
N VAL A 262 29.79 -6.65 20.48
CA VAL A 262 29.41 -8.07 20.76
C VAL A 262 30.39 -8.95 20.00
N GLU A 263 31.12 -9.81 20.73
CA GLU A 263 32.09 -10.77 20.16
C GLU A 263 31.38 -12.12 19.99
N LEU A 264 31.86 -12.91 18.96
CA LEU A 264 31.20 -14.17 18.54
C LEU A 264 30.38 -14.74 19.66
N ILE B 1 -3.27 -1.78 -5.45
CA ILE B 1 -2.30 -2.86 -5.80
C ILE B 1 -2.55 -4.07 -4.88
N GLN B 2 -1.88 -5.20 -5.15
CA GLN B 2 -1.76 -6.35 -4.22
C GLN B 2 -0.29 -6.53 -3.81
N ARG B 3 -0.04 -6.97 -2.58
CA ARG B 3 1.33 -7.07 -2.02
C ARG B 3 1.45 -8.35 -1.22
N THR B 4 2.53 -9.10 -1.48
CA THR B 4 2.82 -10.42 -0.90
C THR B 4 3.44 -10.20 0.48
N PRO B 5 3.00 -10.95 1.52
CA PRO B 5 3.58 -10.81 2.85
C PRO B 5 5.03 -11.28 3.01
N LYS B 6 5.84 -10.45 3.67
CA LYS B 6 7.16 -10.81 4.25
C LYS B 6 6.92 -11.47 5.62
N ILE B 7 7.68 -12.52 5.93
CA ILE B 7 7.46 -13.38 7.13
C ILE B 7 8.79 -13.50 7.93
N GLN B 8 8.81 -12.98 9.16
CA GLN B 8 9.93 -13.12 10.13
C GLN B 8 9.48 -13.93 11.34
N VAL B 9 10.33 -14.83 11.79
CA VAL B 9 10.09 -15.70 12.98
C VAL B 9 11.27 -15.54 13.94
N TYR B 10 11.02 -15.03 15.16
CA TYR B 10 12.07 -14.74 16.18
C TYR B 10 11.44 -14.88 17.56
N SER B 11 12.26 -15.18 18.57
CA SER B 11 11.85 -15.19 20.01
C SER B 11 12.05 -13.79 20.61
N ARG B 12 11.30 -13.48 21.65
CA ARG B 12 11.31 -12.15 22.33
C ARG B 12 12.61 -11.95 23.12
N HIS B 13 13.05 -13.02 23.79
CA HIS B 13 14.36 -13.10 24.48
C HIS B 13 15.21 -14.17 23.78
N PRO B 14 16.55 -14.08 23.91
CA PRO B 14 17.44 -15.09 23.35
C PRO B 14 16.93 -16.50 23.69
N ALA B 15 17.10 -17.44 22.76
CA ALA B 15 16.59 -18.83 22.84
C ALA B 15 17.49 -19.67 23.78
N GLU B 16 17.08 -19.83 25.04
CA GLU B 16 17.70 -20.76 26.04
C GLU B 16 16.78 -21.98 26.23
N ASN B 17 17.29 -23.20 26.01
CA ASN B 17 16.52 -24.45 26.28
C ASN B 17 16.12 -24.48 27.76
N GLY B 18 14.91 -24.96 28.06
CA GLY B 18 14.39 -25.08 29.43
C GLY B 18 13.75 -23.81 29.95
N LYS B 19 14.17 -22.64 29.45
CA LYS B 19 13.72 -21.31 29.93
C LYS B 19 12.47 -20.89 29.16
N SER B 20 11.47 -20.38 29.87
CA SER B 20 10.20 -19.86 29.31
C SER B 20 10.49 -18.57 28.52
N ASN B 21 9.80 -18.39 27.39
CA ASN B 21 10.08 -17.35 26.37
C ASN B 21 8.78 -17.07 25.61
N PHE B 22 8.87 -16.33 24.51
CA PHE B 22 7.76 -16.04 23.54
C PHE B 22 8.28 -16.23 22.12
N LEU B 23 7.51 -16.94 21.29
CA LEU B 23 7.80 -17.12 19.84
C LEU B 23 6.90 -16.18 19.04
N ASN B 24 7.53 -15.31 18.23
CA ASN B 24 6.87 -14.28 17.39
C ASN B 24 6.94 -14.69 15.92
N CYS B 25 5.86 -14.46 15.19
CA CYS B 25 5.79 -14.50 13.71
C CYS B 25 5.23 -13.15 13.29
N TYR B 26 6.12 -12.29 12.77
CA TYR B 26 5.78 -10.95 12.25
C TYR B 26 5.49 -11.06 10.75
N VAL B 27 4.24 -10.78 10.37
CA VAL B 27 3.82 -10.78 8.93
C VAL B 27 3.55 -9.32 8.53
N SER B 28 4.24 -8.82 7.51
CA SER B 28 4.27 -7.38 7.14
C SER B 28 4.28 -7.16 5.63
N GLY B 29 4.05 -5.91 5.21
CA GLY B 29 4.18 -5.45 3.81
C GLY B 29 3.12 -6.02 2.89
N PHE B 30 1.99 -6.50 3.40
CA PHE B 30 0.95 -7.18 2.59
C PHE B 30 -0.29 -6.29 2.39
N HIS B 31 -1.00 -6.55 1.29
CA HIS B 31 -2.26 -5.90 0.88
C HIS B 31 -2.94 -6.84 -0.11
N PRO B 32 -4.25 -7.17 0.03
CA PRO B 32 -5.13 -6.61 1.05
C PRO B 32 -4.91 -7.23 2.44
N SER B 33 -5.83 -6.93 3.38
CA SER B 33 -5.66 -7.08 4.85
C SER B 33 -6.06 -8.49 5.32
N ASP B 34 -6.94 -9.16 4.57
CA ASP B 34 -7.39 -10.57 4.80
C ASP B 34 -6.20 -11.53 4.72
N ILE B 35 -5.79 -12.13 5.84
CA ILE B 35 -4.57 -13.00 5.92
C ILE B 35 -4.78 -14.05 7.01
N GLU B 36 -4.29 -15.28 6.79
CA GLU B 36 -4.34 -16.38 7.77
C GLU B 36 -2.92 -16.76 8.21
N VAL B 37 -2.71 -16.85 9.52
CA VAL B 37 -1.39 -17.14 10.14
C VAL B 37 -1.57 -18.24 11.19
N ASP B 38 -0.77 -19.31 11.06
CA ASP B 38 -0.65 -20.40 12.05
C ASP B 38 0.80 -20.48 12.53
N LEU B 39 0.98 -20.66 13.83
CA LEU B 39 2.28 -21.03 14.44
C LEU B 39 2.31 -22.55 14.64
N LEU B 40 3.36 -23.21 14.14
CA LEU B 40 3.49 -24.69 14.18
C LEU B 40 4.58 -25.11 15.18
N LYS B 41 4.27 -26.15 15.95
CA LYS B 41 5.21 -26.94 16.79
C LYS B 41 5.32 -28.34 16.17
N ASN B 42 6.51 -28.69 15.66
CA ASN B 42 6.77 -30.03 15.07
C ASN B 42 5.79 -30.23 13.90
N GLY B 43 5.60 -29.21 13.07
CA GLY B 43 4.70 -29.20 11.91
C GLY B 43 3.24 -29.46 12.28
N GLU B 44 2.81 -29.11 13.49
CA GLU B 44 1.38 -29.21 13.92
C GLU B 44 0.99 -27.93 14.67
N ARG B 45 -0.21 -27.42 14.42
CA ARG B 45 -0.61 -26.02 14.74
C ARG B 45 -0.85 -25.90 16.24
N ILE B 46 -0.48 -24.75 16.80
CA ILE B 46 -0.64 -24.42 18.25
C ILE B 46 -1.96 -23.65 18.41
N GLU B 47 -2.83 -24.12 19.30
CA GLU B 47 -4.21 -23.60 19.47
C GLU B 47 -4.21 -22.35 20.36
N LYS B 48 -3.33 -22.27 21.36
CA LYS B 48 -3.27 -21.15 22.33
C LYS B 48 -2.28 -20.11 21.80
N VAL B 49 -2.70 -19.35 20.78
CA VAL B 49 -1.89 -18.34 20.04
C VAL B 49 -2.69 -17.04 20.02
N GLU B 50 -2.05 -15.90 20.32
CA GLU B 50 -2.69 -14.55 20.30
C GLU B 50 -2.06 -13.71 19.18
N HIS B 51 -2.66 -12.56 18.84
CA HIS B 51 -2.08 -11.62 17.84
C HIS B 51 -2.35 -10.15 18.23
N SER B 52 -1.42 -9.27 17.84
CA SER B 52 -1.55 -7.80 17.91
C SER B 52 -2.66 -7.38 16.95
N ASP B 53 -3.07 -6.11 16.99
CA ASP B 53 -4.05 -5.53 16.04
C ASP B 53 -3.44 -5.50 14.63
N LEU B 54 -4.22 -5.91 13.65
CA LEU B 54 -3.97 -5.63 12.21
C LEU B 54 -3.77 -4.12 12.03
N SER B 55 -2.55 -3.69 11.71
CA SER B 55 -2.19 -2.26 11.50
C SER B 55 -1.55 -2.07 10.13
N PHE B 56 -1.03 -0.88 9.83
CA PHE B 56 -0.39 -0.61 8.52
C PHE B 56 0.69 0.46 8.66
N SER B 57 1.62 0.42 7.70
CA SER B 57 2.86 1.20 7.60
C SER B 57 2.63 2.44 6.74
N LYS B 58 3.63 3.31 6.63
CA LYS B 58 3.57 4.60 5.90
C LYS B 58 3.23 4.34 4.42
N ASP B 59 3.53 3.16 3.91
CA ASP B 59 3.26 2.77 2.49
C ASP B 59 1.88 2.08 2.37
N TRP B 60 1.09 2.04 3.46
CA TRP B 60 -0.32 1.58 3.51
C TRP B 60 -0.41 0.06 3.59
N SER B 61 0.70 -0.66 3.42
CA SER B 61 0.77 -2.13 3.57
C SER B 61 0.52 -2.50 5.04
N PHE B 62 -0.18 -3.60 5.28
CA PHE B 62 -0.58 -4.07 6.62
C PHE B 62 0.53 -4.93 7.25
N TYR B 63 0.45 -5.07 8.56
CA TYR B 63 1.32 -5.92 9.38
C TYR B 63 0.56 -6.35 10.62
N LEU B 64 1.11 -7.36 11.28
CA LEU B 64 0.37 -8.20 12.25
C LEU B 64 1.42 -9.05 12.97
N LEU B 65 1.33 -9.13 14.29
CA LEU B 65 2.21 -10.03 15.06
C LEU B 65 1.37 -11.20 15.62
N TYR B 66 1.78 -12.44 15.38
CA TYR B 66 1.27 -13.64 16.09
C TYR B 66 2.32 -14.12 17.09
N TYR B 67 1.90 -14.33 18.35
CA TYR B 67 2.82 -14.74 19.44
C TYR B 67 2.15 -15.77 20.36
N THR B 68 2.99 -16.64 20.93
CA THR B 68 2.62 -17.66 21.94
C THR B 68 3.74 -17.77 22.99
N GLU B 69 3.36 -17.91 24.27
CA GLU B 69 4.24 -18.32 25.37
C GLU B 69 4.60 -19.79 25.17
N PHE B 70 5.89 -20.11 25.10
CA PHE B 70 6.42 -21.48 24.91
C PHE B 70 7.72 -21.65 25.71
N THR B 71 8.23 -22.87 25.73
CA THR B 71 9.50 -23.25 26.41
C THR B 71 10.27 -24.13 25.43
N PRO B 72 11.27 -23.58 24.71
CA PRO B 72 11.97 -24.33 23.66
C PRO B 72 12.83 -25.47 24.24
N THR B 73 13.20 -26.43 23.38
CA THR B 73 14.01 -27.63 23.70
C THR B 73 14.92 -27.97 22.52
N GLU B 74 15.89 -28.87 22.72
CA GLU B 74 16.87 -29.27 21.68
C GLU B 74 16.12 -29.86 20.49
N LYS B 75 15.10 -30.68 20.75
CA LYS B 75 14.42 -31.55 19.73
C LYS B 75 13.30 -30.78 19.01
N ASP B 76 12.57 -29.91 19.72
CA ASP B 76 11.34 -29.24 19.21
C ASP B 76 11.70 -28.20 18.12
N GLU B 77 10.97 -28.26 17.00
CA GLU B 77 11.10 -27.35 15.82
C GLU B 77 9.82 -26.52 15.68
N TYR B 78 9.93 -25.19 15.53
CA TYR B 78 8.75 -24.31 15.34
C TYR B 78 8.82 -23.64 13.96
N ALA B 79 7.65 -23.33 13.41
CA ALA B 79 7.48 -22.67 12.10
C ALA B 79 6.24 -21.77 12.11
N CYS B 80 6.18 -20.87 11.13
CA CYS B 80 4.99 -20.03 10.84
C CYS B 80 4.43 -20.37 9.45
N ARG B 81 3.15 -20.74 9.36
CA ARG B 81 2.42 -21.00 8.08
C ARG B 81 1.52 -19.81 7.77
N VAL B 82 1.57 -19.29 6.55
CA VAL B 82 0.83 -18.05 6.13
C VAL B 82 0.08 -18.32 4.83
N ASN B 83 -1.17 -17.88 4.77
CA ASN B 83 -1.97 -17.89 3.52
C ASN B 83 -2.60 -16.51 3.31
N HIS B 84 -2.50 -16.03 2.07
CA HIS B 84 -2.93 -14.70 1.58
C HIS B 84 -3.36 -14.88 0.12
N VAL B 85 -4.17 -13.98 -0.42
CA VAL B 85 -4.65 -14.10 -1.82
C VAL B 85 -3.43 -14.14 -2.76
N THR B 86 -2.37 -13.38 -2.46
CA THR B 86 -1.14 -13.32 -3.31
C THR B 86 -0.37 -14.65 -3.31
N LEU B 87 -0.75 -15.62 -2.47
CA LEU B 87 -0.03 -16.92 -2.37
C LEU B 87 -0.87 -18.05 -2.99
N SER B 88 -0.30 -18.71 -4.01
CA SER B 88 -0.91 -19.89 -4.69
C SER B 88 -0.99 -21.07 -3.70
N GLN B 89 0.01 -21.21 -2.82
CA GLN B 89 0.09 -22.25 -1.77
C GLN B 89 0.46 -21.59 -0.43
N PRO B 90 0.10 -22.17 0.74
CA PRO B 90 0.56 -21.64 2.01
C PRO B 90 2.08 -21.47 2.01
N LYS B 91 2.59 -20.47 2.75
CA LYS B 91 4.05 -20.24 2.90
C LYS B 91 4.44 -20.55 4.34
N ILE B 92 5.45 -21.40 4.50
CA ILE B 92 5.96 -21.90 5.80
C ILE B 92 7.38 -21.35 5.96
N VAL B 93 7.65 -20.68 7.09
CA VAL B 93 9.01 -20.22 7.47
C VAL B 93 9.34 -20.84 8.84
N LYS B 94 10.46 -21.55 8.90
CA LYS B 94 10.97 -22.20 10.13
C LYS B 94 11.65 -21.13 10.99
N TRP B 95 11.46 -21.23 12.30
CA TRP B 95 12.28 -20.50 13.30
C TRP B 95 13.73 -20.99 13.21
N ASP B 96 14.65 -20.14 12.74
CA ASP B 96 16.12 -20.37 12.88
C ASP B 96 16.56 -19.51 14.08
N ARG B 97 17.23 -20.12 15.07
CA ARG B 97 17.54 -19.50 16.39
C ARG B 97 18.50 -18.32 16.25
N ASP B 98 19.40 -18.36 15.26
CA ASP B 98 20.43 -17.32 14.99
C ASP B 98 19.83 -15.92 15.08
N MET B 99 18.60 -15.75 14.56
CA MET B 99 18.05 -14.44 14.11
C MET B 99 16.94 -13.93 15.02
N PRO C 1 11.51 -17.27 -31.43
CA PRO C 1 10.44 -16.62 -30.64
C PRO C 1 10.68 -15.10 -30.53
N SER C 2 9.59 -14.31 -30.48
CA SER C 2 9.62 -12.82 -30.43
C SER C 2 8.65 -12.29 -29.36
N VAL C 3 9.00 -11.14 -28.76
CA VAL C 3 8.31 -10.50 -27.61
C VAL C 3 7.56 -9.24 -28.08
N PHE C 4 6.47 -8.89 -27.39
CA PHE C 4 5.73 -7.61 -27.56
C PHE C 4 5.28 -7.14 -26.17
N LEU C 5 5.72 -5.95 -25.76
CA LEU C 5 5.42 -5.34 -24.43
C LEU C 5 4.31 -4.30 -24.59
N PHE C 6 3.19 -4.50 -23.90
CA PHE C 6 1.95 -3.68 -24.04
C PHE C 6 1.77 -2.82 -22.79
N PRO C 7 1.44 -1.51 -22.95
CA PRO C 7 1.24 -0.62 -21.82
C PRO C 7 -0.13 -0.78 -21.18
N PRO C 8 -0.35 -0.22 -19.98
CA PRO C 8 -1.69 -0.21 -19.40
C PRO C 8 -2.65 0.59 -20.28
N LYS C 9 -3.93 0.20 -20.30
CA LYS C 9 -5.05 1.03 -20.76
C LYS C 9 -5.01 2.35 -19.98
N PRO C 10 -5.03 3.51 -20.67
CA PRO C 10 -5.01 4.82 -20.00
C PRO C 10 -6.06 4.95 -18.89
N LYS C 11 -7.29 4.54 -19.15
CA LYS C 11 -8.39 4.64 -18.18
C LYS C 11 -7.98 3.93 -16.88
N ASP C 12 -7.26 2.82 -16.97
CA ASP C 12 -6.79 2.08 -15.76
C ASP C 12 -5.75 2.91 -15.01
N THR C 13 -5.00 3.79 -15.68
CA THR C 13 -3.93 4.59 -14.99
C THR C 13 -4.56 5.73 -14.19
N LEU C 14 -5.81 6.10 -14.50
CA LEU C 14 -6.43 7.37 -14.10
C LEU C 14 -7.51 7.19 -13.02
N TYR C 15 -8.00 5.97 -12.80
CA TYR C 15 -8.99 5.61 -11.74
C TYR C 15 -8.28 4.72 -10.72
N ILE C 16 -8.08 5.21 -9.49
CA ILE C 16 -7.16 4.52 -8.55
C ILE C 16 -7.70 3.11 -8.22
N THR C 17 -8.99 2.84 -8.41
CA THR C 17 -9.60 1.52 -8.08
C THR C 17 -9.63 0.61 -9.31
N ARG C 18 -9.00 1.00 -10.41
CA ARG C 18 -8.82 0.09 -11.57
C ARG C 18 -7.40 -0.48 -11.51
N GLU C 19 -7.18 -1.61 -12.18
CA GLU C 19 -5.91 -2.38 -12.15
C GLU C 19 -5.13 -2.12 -13.44
N PRO C 20 -4.23 -1.11 -13.48
CA PRO C 20 -3.35 -0.95 -14.64
C PRO C 20 -2.34 -2.10 -14.68
N GLU C 21 -2.13 -2.71 -15.84
CA GLU C 21 -1.14 -3.80 -15.99
C GLU C 21 -0.38 -3.64 -17.32
N VAL C 22 0.93 -3.83 -17.27
CA VAL C 22 1.85 -4.06 -18.42
C VAL C 22 1.76 -5.54 -18.84
N THR C 23 1.42 -5.83 -20.10
CA THR C 23 1.26 -7.20 -20.62
C THR C 23 2.44 -7.51 -21.56
N CYS C 24 3.31 -8.44 -21.17
CA CYS C 24 4.49 -8.91 -21.96
C CYS C 24 4.18 -10.25 -22.62
N VAL C 25 4.03 -10.25 -23.95
CA VAL C 25 3.59 -11.43 -24.77
C VAL C 25 4.80 -11.98 -25.52
N VAL C 26 5.02 -13.30 -25.43
CA VAL C 26 6.08 -14.06 -26.17
C VAL C 26 5.37 -15.00 -27.15
N VAL C 27 5.78 -14.95 -28.42
CA VAL C 27 5.12 -15.64 -29.56
C VAL C 27 6.17 -16.52 -30.26
N ASP C 28 5.71 -17.53 -31.02
CA ASP C 28 6.51 -18.42 -31.90
C ASP C 28 7.49 -19.22 -31.03
N VAL C 29 6.98 -20.10 -30.17
CA VAL C 29 7.78 -20.81 -29.13
C VAL C 29 7.81 -22.32 -29.44
N PRO C 34 10.99 -25.04 -25.10
CA PRO C 34 9.53 -25.17 -25.04
C PRO C 34 8.88 -24.40 -23.87
N GLU C 35 9.67 -24.01 -22.86
CA GLU C 35 9.22 -23.24 -21.67
C GLU C 35 9.94 -21.89 -21.61
N VAL C 36 9.21 -20.83 -21.24
CA VAL C 36 9.70 -19.44 -21.11
C VAL C 36 9.70 -19.04 -19.63
N GLN C 37 10.71 -18.29 -19.20
CA GLN C 37 10.79 -17.69 -17.84
C GLN C 37 11.00 -16.17 -18.01
N PHE C 38 10.20 -15.37 -17.28
CA PHE C 38 10.20 -13.88 -17.34
C PHE C 38 10.92 -13.31 -16.12
N ASN C 39 11.65 -12.21 -16.32
CA ASN C 39 12.10 -11.29 -15.24
C ASN C 39 11.55 -9.89 -15.52
N TRP C 40 11.08 -9.19 -14.48
CA TRP C 40 10.52 -7.82 -14.56
C TRP C 40 11.36 -6.88 -13.69
N TYR C 41 11.57 -5.66 -14.20
CA TYR C 41 12.39 -4.59 -13.55
C TYR C 41 11.63 -3.24 -13.65
N VAL C 42 11.64 -2.47 -12.56
CA VAL C 42 10.97 -1.14 -12.43
C VAL C 42 12.04 -0.10 -12.11
N ASP C 43 12.48 0.67 -13.10
CA ASP C 43 13.61 1.64 -12.98
C ASP C 43 14.86 0.89 -12.49
N GLY C 44 15.14 -0.28 -13.07
CA GLY C 44 16.33 -1.10 -12.76
C GLY C 44 16.06 -2.18 -11.73
N VAL C 45 15.39 -1.84 -10.63
CA VAL C 45 15.11 -2.75 -9.47
C VAL C 45 14.14 -3.85 -9.95
N GLU C 46 14.47 -5.12 -9.69
CA GLU C 46 13.63 -6.29 -10.07
C GLU C 46 12.47 -6.40 -9.07
N VAL C 47 11.30 -6.87 -9.53
CA VAL C 47 10.08 -7.12 -8.68
C VAL C 47 9.56 -8.51 -9.03
N HIS C 48 8.81 -9.14 -8.11
CA HIS C 48 8.50 -10.60 -8.16
C HIS C 48 6.98 -10.86 -8.17
N ASN C 49 6.15 -9.84 -8.44
CA ASN C 49 4.67 -9.90 -8.30
C ASN C 49 3.98 -10.18 -9.65
N ALA C 50 4.72 -10.38 -10.75
CA ALA C 50 4.15 -10.71 -12.08
C ALA C 50 3.32 -12.01 -11.99
N LYS C 51 2.42 -12.21 -12.96
CA LYS C 51 1.55 -13.41 -13.07
C LYS C 51 1.63 -13.96 -14.50
N THR C 52 2.24 -15.14 -14.68
CA THR C 52 2.34 -15.84 -15.98
C THR C 52 1.17 -16.81 -16.13
N LYS C 53 0.45 -16.73 -17.26
CA LYS C 53 -0.58 -17.71 -17.68
C LYS C 53 0.11 -18.92 -18.29
N PRO C 54 -0.59 -20.06 -18.46
CA PRO C 54 -0.05 -21.20 -19.20
C PRO C 54 0.07 -20.86 -20.69
N ARG C 55 1.13 -21.36 -21.34
CA ARG C 55 1.30 -21.30 -22.82
C ARG C 55 0.03 -21.85 -23.46
N GLU C 56 -0.30 -21.44 -24.68
CA GLU C 56 -1.45 -21.98 -25.44
C GLU C 56 -1.07 -22.15 -26.92
N GLU C 57 -1.61 -23.18 -27.56
CA GLU C 57 -1.31 -23.59 -28.95
C GLU C 57 -2.13 -22.72 -29.91
N GLN C 58 -1.54 -22.30 -31.04
CA GLN C 58 -2.22 -21.48 -32.09
C GLN C 58 -2.47 -22.37 -33.32
N PHE C 59 -3.29 -21.89 -34.27
CA PHE C 59 -3.59 -22.56 -35.56
C PHE C 59 -2.29 -23.05 -36.21
N ASN C 60 -1.23 -22.21 -36.17
CA ASN C 60 0.05 -22.40 -36.91
C ASN C 60 1.05 -23.23 -36.09
N SER C 61 0.59 -23.94 -35.04
CA SER C 61 1.36 -24.96 -34.28
C SER C 61 2.52 -24.35 -33.49
N THR C 62 2.41 -23.08 -33.07
CA THR C 62 3.36 -22.39 -32.15
C THR C 62 2.67 -22.09 -30.82
N TYR C 63 3.46 -21.88 -29.77
CA TYR C 63 3.01 -21.53 -28.40
C TYR C 63 3.16 -20.02 -28.18
N ARG C 64 2.20 -19.45 -27.44
CA ARG C 64 2.14 -18.00 -27.06
C ARG C 64 2.10 -17.94 -25.53
N VAL C 65 3.07 -17.25 -24.92
CA VAL C 65 3.22 -17.12 -23.44
C VAL C 65 3.02 -15.65 -23.04
N VAL C 66 2.20 -15.41 -22.01
CA VAL C 66 1.74 -14.07 -21.54
C VAL C 66 2.07 -13.94 -20.05
N SER C 67 2.83 -12.90 -19.67
CA SER C 67 3.11 -12.49 -18.27
C SER C 67 2.65 -11.03 -18.03
N VAL C 68 1.87 -10.79 -16.95
CA VAL C 68 1.27 -9.45 -16.61
C VAL C 68 1.87 -8.97 -15.28
N LEU C 69 2.34 -7.71 -15.26
CA LEU C 69 2.79 -6.99 -14.05
C LEU C 69 1.80 -5.85 -13.73
N THR C 70 1.07 -5.95 -12.62
CA THR C 70 0.32 -4.81 -12.03
C THR C 70 1.32 -3.76 -11.56
N VAL C 71 0.98 -2.48 -11.74
CA VAL C 71 1.87 -1.30 -11.54
C VAL C 71 1.13 -0.35 -10.60
N LEU C 72 1.86 0.37 -9.74
CA LEU C 72 1.33 1.46 -8.89
C LEU C 72 0.89 2.58 -9.82
N HIS C 73 -0.31 3.12 -9.63
CA HIS C 73 -0.90 4.20 -10.46
C HIS C 73 0.10 5.35 -10.60
N GLN C 74 0.62 5.84 -9.46
CA GLN C 74 1.44 7.07 -9.37
C GLN C 74 2.83 6.80 -9.96
N ASP C 75 3.29 5.55 -9.88
CA ASP C 75 4.55 5.09 -10.51
C ASP C 75 4.42 5.24 -12.02
N TRP C 76 3.34 4.75 -12.61
CA TRP C 76 3.16 4.85 -14.07
C TRP C 76 3.11 6.33 -14.45
N LEU C 77 2.43 7.17 -13.63
CA LEU C 77 2.26 8.61 -13.92
C LEU C 77 3.58 9.37 -13.75
N ASN C 78 4.47 8.93 -12.85
CA ASN C 78 5.80 9.57 -12.62
C ASN C 78 6.85 9.13 -13.67
N GLY C 79 6.44 8.41 -14.72
CA GLY C 79 7.32 8.12 -15.89
C GLY C 79 8.28 6.96 -15.65
N LYS C 80 8.05 6.12 -14.63
CA LYS C 80 8.97 4.98 -14.32
C LYS C 80 8.92 4.00 -15.51
N GLU C 81 10.02 3.27 -15.71
CA GLU C 81 10.19 2.34 -16.86
C GLU C 81 9.92 0.90 -16.41
N TYR C 82 9.15 0.16 -17.20
CA TYR C 82 8.83 -1.27 -16.93
C TYR C 82 9.54 -2.15 -17.96
N LYS C 83 10.55 -2.92 -17.53
CA LYS C 83 11.38 -3.80 -18.41
C LYS C 83 10.96 -5.26 -18.20
N CYS C 84 10.57 -5.94 -19.28
CA CYS C 84 10.22 -7.39 -19.32
C CYS C 84 11.30 -8.17 -20.07
N LYS C 85 12.16 -8.90 -19.36
CA LYS C 85 13.25 -9.75 -19.92
C LYS C 85 12.73 -11.19 -20.11
N VAL C 86 12.81 -11.70 -21.33
CA VAL C 86 12.36 -13.07 -21.70
C VAL C 86 13.60 -13.98 -21.83
N SER C 87 13.64 -15.07 -21.07
CA SER C 87 14.70 -16.11 -21.10
C SER C 87 14.18 -17.38 -21.79
N ASN C 88 14.92 -17.86 -22.79
CA ASN C 88 14.62 -19.08 -23.60
C ASN C 88 15.95 -19.59 -24.18
N PRO C 92 18.66 -17.53 -28.70
CA PRO C 92 19.98 -17.73 -28.06
C PRO C 92 20.04 -17.06 -26.68
N SER C 93 20.11 -15.72 -26.65
CA SER C 93 20.24 -14.87 -25.43
C SER C 93 18.86 -14.66 -24.79
N SER C 94 18.77 -13.72 -23.85
CA SER C 94 17.51 -13.09 -23.37
C SER C 94 17.20 -11.86 -24.24
N ILE C 95 15.92 -11.65 -24.58
CA ILE C 95 15.39 -10.44 -25.30
C ILE C 95 14.74 -9.51 -24.26
N GLU C 96 15.26 -8.29 -24.11
CA GLU C 96 14.68 -7.21 -23.27
C GLU C 96 13.75 -6.33 -24.10
N LYS C 97 12.61 -5.93 -23.53
CA LYS C 97 11.80 -4.78 -24.00
C LYS C 97 11.49 -3.90 -22.79
N THR C 98 11.49 -2.57 -22.97
CA THR C 98 11.15 -1.56 -21.95
C THR C 98 9.99 -0.67 -22.45
N ILE C 99 9.08 -0.30 -21.55
CA ILE C 99 7.93 0.60 -21.84
C ILE C 99 7.76 1.58 -20.68
N SER C 100 7.14 2.73 -20.96
CA SER C 100 6.87 3.82 -19.97
C SER C 100 5.97 4.89 -20.58
N LYS C 101 5.53 5.84 -19.75
CA LYS C 101 4.80 7.06 -20.17
C LYS C 101 5.83 8.06 -20.71
N ALA C 102 5.47 8.79 -21.75
CA ALA C 102 6.32 9.84 -22.35
C ALA C 102 6.63 10.91 -21.29
N LYS C 103 7.87 11.38 -21.24
CA LYS C 103 8.26 12.54 -20.41
C LYS C 103 7.72 13.78 -21.11
N GLY C 104 7.64 14.89 -20.38
CA GLY C 104 7.27 16.23 -20.87
C GLY C 104 6.14 16.86 -20.07
N GLN C 105 6.09 18.20 -20.10
CA GLN C 105 5.08 19.03 -19.41
C GLN C 105 3.70 18.51 -19.77
N PRO C 106 2.96 17.94 -18.81
CA PRO C 106 1.56 17.55 -19.03
C PRO C 106 0.68 18.75 -19.43
N ARG C 107 -0.23 18.55 -20.39
CA ARG C 107 -1.15 19.62 -20.87
C ARG C 107 -2.60 19.12 -20.91
N GLU C 108 -3.49 19.99 -20.44
CA GLU C 108 -4.96 19.79 -20.28
C GLU C 108 -5.55 19.65 -21.68
N PRO C 109 -6.28 18.54 -21.98
CA PRO C 109 -7.17 18.48 -23.14
C PRO C 109 -8.16 19.64 -23.23
N GLN C 110 -8.30 20.21 -24.44
CA GLN C 110 -9.43 21.09 -24.83
C GLN C 110 -10.45 20.25 -25.57
N VAL C 111 -11.72 20.36 -25.17
CA VAL C 111 -12.86 19.56 -25.69
C VAL C 111 -13.87 20.51 -26.36
N TYR C 112 -14.26 20.16 -27.59
CA TYR C 112 -15.28 20.89 -28.39
C TYR C 112 -16.26 19.86 -28.93
N THR C 113 -17.54 20.16 -28.79
CA THR C 113 -18.66 19.35 -29.32
C THR C 113 -19.25 20.12 -30.50
N PHE C 114 -19.80 19.38 -31.47
CA PHE C 114 -20.33 19.91 -32.75
C PHE C 114 -21.66 19.21 -33.00
N PRO C 115 -22.78 19.95 -33.10
CA PRO C 115 -24.07 19.35 -33.45
C PRO C 115 -24.06 18.99 -34.92
N PRO C 116 -24.89 18.02 -35.36
CA PRO C 116 -25.03 17.71 -36.79
C PRO C 116 -25.56 18.95 -37.54
N GLU C 117 -24.98 19.26 -38.70
CA GLU C 117 -25.37 20.42 -39.54
C GLU C 117 -26.63 20.02 -40.35
N GLN C 118 -27.75 20.72 -40.14
CA GLN C 118 -29.04 20.48 -40.85
C GLN C 118 -28.76 20.43 -42.35
N GLU C 119 -28.92 19.24 -42.94
CA GLU C 119 -28.30 18.79 -44.23
C GLU C 119 -27.97 17.30 -44.09
N GLU C 120 -27.33 16.93 -42.98
CA GLU C 120 -27.16 15.53 -42.51
C GLU C 120 -28.42 15.12 -41.74
N MET C 121 -29.16 16.11 -41.21
CA MET C 121 -30.36 15.90 -40.33
C MET C 121 -31.37 14.99 -41.03
N THR C 122 -31.66 15.23 -42.32
CA THR C 122 -32.58 14.38 -43.13
C THR C 122 -31.95 12.99 -43.29
N LYS C 123 -32.13 12.12 -42.28
CA LYS C 123 -31.56 10.76 -42.19
C LYS C 123 -32.21 9.98 -41.04
N ASN C 124 -32.08 8.66 -41.05
CA ASN C 124 -32.50 7.75 -39.96
C ASN C 124 -31.65 8.05 -38.71
N GLN C 125 -30.34 8.25 -38.89
CA GLN C 125 -29.35 8.46 -37.80
C GLN C 125 -28.57 9.77 -38.03
N VAL C 126 -28.10 10.39 -36.93
CA VAL C 126 -27.23 11.61 -36.96
C VAL C 126 -25.95 11.34 -36.13
N SER C 127 -24.87 12.04 -36.49
CA SER C 127 -23.50 11.90 -35.94
C SER C 127 -23.18 13.11 -35.04
N LEU C 128 -22.85 12.89 -33.76
CA LEU C 128 -22.38 13.94 -32.82
C LEU C 128 -20.86 13.89 -32.81
N ARG C 129 -20.20 15.04 -32.90
CA ARG C 129 -18.73 15.13 -33.12
C ARG C 129 -18.07 15.73 -31.87
N CYS C 130 -16.98 15.11 -31.41
CA CYS C 130 -16.15 15.60 -30.28
C CYS C 130 -14.68 15.73 -30.71
N LEU C 131 -14.13 16.94 -30.62
CA LEU C 131 -12.72 17.22 -30.92
C LEU C 131 -11.98 17.42 -29.59
N VAL C 132 -10.85 16.73 -29.42
CA VAL C 132 -10.02 16.79 -28.18
C VAL C 132 -8.59 17.09 -28.64
N LYS C 133 -8.00 18.17 -28.12
CA LYS C 133 -6.71 18.70 -28.62
C LYS C 133 -5.97 19.48 -27.53
N GLY C 134 -4.71 19.84 -27.80
CA GLY C 134 -3.79 20.51 -26.86
C GLY C 134 -3.32 19.64 -25.70
N PHE C 135 -3.44 18.31 -25.79
CA PHE C 135 -3.13 17.46 -24.62
C PHE C 135 -1.76 16.80 -24.78
N TYR C 136 -1.14 16.54 -23.64
CA TYR C 136 0.15 15.83 -23.51
C TYR C 136 0.19 15.22 -22.10
N PRO C 137 0.61 13.94 -21.94
CA PRO C 137 0.98 13.09 -23.06
C PRO C 137 -0.26 12.54 -23.80
N SER C 138 -0.04 11.58 -24.70
CA SER C 138 -1.02 11.06 -25.67
C SER C 138 -2.00 10.10 -24.97
N ASP C 139 -1.63 9.58 -23.80
CA ASP C 139 -2.47 8.65 -22.99
C ASP C 139 -3.82 9.33 -22.68
N ILE C 140 -4.92 8.80 -23.21
CA ILE C 140 -6.25 9.44 -23.03
C ILE C 140 -7.34 8.37 -23.20
N ALA C 141 -8.52 8.60 -22.63
CA ALA C 141 -9.73 7.79 -22.87
C ALA C 141 -10.92 8.72 -23.09
N VAL C 142 -11.78 8.35 -24.05
CA VAL C 142 -12.98 9.13 -24.46
C VAL C 142 -14.19 8.18 -24.44
N GLU C 143 -15.31 8.69 -23.94
CA GLU C 143 -16.57 7.96 -23.71
C GLU C 143 -17.71 8.93 -24.04
N TRP C 144 -18.93 8.41 -24.18
CA TRP C 144 -20.14 9.26 -24.32
C TRP C 144 -21.22 8.80 -23.32
N GLU C 145 -22.10 9.72 -22.96
CA GLU C 145 -23.29 9.47 -22.10
C GLU C 145 -24.51 10.17 -22.71
N SER C 146 -25.70 9.57 -22.59
CA SER C 146 -27.02 10.24 -22.76
C SER C 146 -27.72 10.30 -21.41
N ASN C 147 -28.10 11.51 -20.96
CA ASN C 147 -28.74 11.75 -19.64
C ASN C 147 -27.96 10.97 -18.57
N GLY C 148 -26.63 11.04 -18.63
CA GLY C 148 -25.73 10.53 -17.60
C GLY C 148 -25.39 9.05 -17.75
N GLN C 149 -26.01 8.31 -18.69
CA GLN C 149 -25.82 6.84 -18.81
C GLN C 149 -25.01 6.51 -20.06
N PRO C 150 -23.98 5.64 -19.93
CA PRO C 150 -23.06 5.34 -21.03
C PRO C 150 -23.74 5.01 -22.36
N GLU C 151 -23.04 5.29 -23.45
CA GLU C 151 -23.36 4.92 -24.86
C GLU C 151 -22.22 4.05 -25.38
N ASN C 152 -22.46 3.18 -26.36
CA ASN C 152 -21.35 2.40 -26.97
C ASN C 152 -21.16 2.81 -28.43
N ASN C 153 -22.14 3.45 -29.08
CA ASN C 153 -22.18 3.49 -30.57
C ASN C 153 -21.34 4.66 -31.11
N TYR C 154 -20.02 4.63 -30.87
CA TYR C 154 -19.10 5.74 -31.20
C TYR C 154 -17.77 5.19 -31.72
N LYS C 155 -16.98 6.06 -32.35
CA LYS C 155 -15.63 5.74 -32.89
C LYS C 155 -14.71 6.93 -32.61
N THR C 156 -13.45 6.64 -32.33
CA THR C 156 -12.46 7.62 -31.84
C THR C 156 -11.14 7.38 -32.55
N THR C 157 -10.51 8.40 -33.12
CA THR C 157 -9.22 8.26 -33.83
C THR C 157 -8.11 8.18 -32.78
N LYS C 158 -6.99 7.55 -33.14
CA LYS C 158 -5.74 7.49 -32.34
C LYS C 158 -5.21 8.89 -32.09
N PRO C 159 -4.65 9.16 -30.90
CA PRO C 159 -3.98 10.44 -30.66
C PRO C 159 -2.96 10.67 -31.77
N VAL C 160 -3.01 11.85 -32.37
CA VAL C 160 -2.10 12.25 -33.48
C VAL C 160 -1.38 13.54 -33.07
N LEU C 161 -0.06 13.59 -33.24
CA LEU C 161 0.70 14.78 -32.81
C LEU C 161 0.38 15.91 -33.78
N ASP C 162 0.25 17.13 -33.25
CA ASP C 162 -0.11 18.36 -33.98
C ASP C 162 1.13 19.23 -34.13
N SER C 163 1.03 20.35 -34.86
CA SER C 163 2.18 21.21 -35.22
C SER C 163 2.78 21.88 -33.98
N ASP C 164 2.04 22.02 -32.89
CA ASP C 164 2.49 22.71 -31.64
C ASP C 164 3.10 21.72 -30.62
N GLY C 165 3.26 20.45 -30.97
CA GLY C 165 3.90 19.45 -30.09
C GLY C 165 2.94 18.83 -29.08
N SER C 166 1.66 19.16 -29.17
CA SER C 166 0.53 18.58 -28.39
C SER C 166 -0.19 17.55 -29.26
N PHE C 167 -0.98 16.66 -28.67
CA PHE C 167 -1.77 15.63 -29.40
C PHE C 167 -3.22 16.07 -29.58
N ARG C 168 -3.90 15.41 -30.52
CA ARG C 168 -5.31 15.68 -30.87
C ARG C 168 -5.97 14.40 -31.39
N LEU C 169 -7.29 14.43 -31.51
CA LEU C 169 -8.12 13.22 -31.62
C LEU C 169 -9.56 13.65 -31.89
N GLU C 170 -10.33 12.84 -32.61
CA GLU C 170 -11.79 13.06 -32.83
C GLU C 170 -12.58 11.83 -32.39
N SER C 171 -13.78 12.05 -31.87
CA SER C 171 -14.76 11.00 -31.53
C SER C 171 -16.10 11.32 -32.19
N ARG C 172 -16.76 10.31 -32.75
CA ARG C 172 -18.08 10.41 -33.44
C ARG C 172 -19.07 9.44 -32.80
N LEU C 173 -20.12 9.98 -32.17
CA LEU C 173 -21.28 9.23 -31.64
C LEU C 173 -22.43 9.27 -32.65
N THR C 174 -22.72 8.12 -33.26
CA THR C 174 -23.93 7.84 -34.10
C THR C 174 -25.13 7.56 -33.19
N VAL C 175 -26.20 8.34 -33.30
CA VAL C 175 -27.49 8.10 -32.58
C VAL C 175 -28.67 8.20 -33.55
N ASP C 176 -29.83 7.68 -33.14
CA ASP C 176 -31.10 7.79 -33.90
C ASP C 176 -31.55 9.24 -33.88
N LYS C 177 -32.01 9.74 -35.03
CA LYS C 177 -32.48 11.13 -35.26
C LYS C 177 -33.46 11.54 -34.14
N SER C 178 -34.43 10.67 -33.80
CA SER C 178 -35.51 10.95 -32.82
C SER C 178 -34.91 11.31 -31.46
N ARG C 179 -33.93 10.51 -31.02
CA ARG C 179 -33.32 10.58 -29.66
C ARG C 179 -32.69 11.97 -29.48
N TRP C 180 -32.13 12.52 -30.56
CA TRP C 180 -31.56 13.90 -30.65
C TRP C 180 -32.67 14.94 -30.62
N GLN C 181 -33.68 14.78 -31.47
CA GLN C 181 -34.76 15.79 -31.69
C GLN C 181 -35.72 15.84 -30.49
N GLU C 182 -35.73 14.81 -29.64
CA GLU C 182 -36.48 14.83 -28.35
C GLU C 182 -35.69 15.64 -27.30
N GLY C 183 -34.49 16.14 -27.64
CA GLY C 183 -33.73 17.11 -26.82
C GLY C 183 -32.94 16.45 -25.70
N ASN C 184 -32.53 15.19 -25.87
CA ASN C 184 -31.68 14.46 -24.90
C ASN C 184 -30.31 15.13 -24.78
N VAL C 185 -29.81 15.27 -23.55
CA VAL C 185 -28.44 15.74 -23.22
C VAL C 185 -27.45 14.62 -23.60
N PHE C 186 -26.49 14.88 -24.50
CA PHE C 186 -25.38 13.96 -24.83
C PHE C 186 -24.06 14.55 -24.33
N SER C 187 -23.16 13.72 -23.82
CA SER C 187 -21.85 14.13 -23.23
C SER C 187 -20.66 13.39 -23.87
N CYS C 188 -19.66 14.17 -24.29
CA CYS C 188 -18.26 13.74 -24.55
C CYS C 188 -17.51 13.77 -23.22
N SER C 189 -16.98 12.64 -22.79
CA SER C 189 -16.27 12.46 -21.51
C SER C 189 -14.83 12.12 -21.86
N VAL C 190 -13.89 12.81 -21.22
CA VAL C 190 -12.45 12.74 -21.55
C VAL C 190 -11.71 12.47 -20.26
N MET C 191 -10.83 11.49 -20.28
CA MET C 191 -10.02 11.12 -19.11
C MET C 191 -8.55 11.27 -19.48
N HIS C 192 -7.87 12.15 -18.76
CA HIS C 192 -6.45 12.56 -18.95
C HIS C 192 -5.83 12.97 -17.60
N GLU C 193 -4.53 12.71 -17.44
CA GLU C 193 -3.82 12.96 -16.16
C GLU C 193 -3.88 14.45 -15.81
N ALA C 194 -3.92 15.34 -16.80
CA ALA C 194 -3.76 16.79 -16.60
C ALA C 194 -5.10 17.43 -16.23
N LEU C 195 -6.22 16.70 -16.34
CA LEU C 195 -7.55 17.23 -15.97
C LEU C 195 -7.71 17.16 -14.45
N HIS C 196 -8.49 18.08 -13.89
CA HIS C 196 -8.99 18.08 -12.49
C HIS C 196 -9.64 16.73 -12.21
N ASN C 197 -9.11 15.95 -11.27
CA ASN C 197 -9.65 14.61 -10.92
C ASN C 197 -9.69 13.68 -12.16
N HIS C 198 -8.82 13.93 -13.15
CA HIS C 198 -8.58 13.06 -14.34
C HIS C 198 -9.81 12.93 -15.25
N TYR C 199 -10.82 13.80 -15.12
CA TYR C 199 -12.09 13.69 -15.89
C TYR C 199 -12.66 15.09 -16.19
N THR C 200 -13.15 15.26 -17.42
CA THR C 200 -14.01 16.41 -17.79
C THR C 200 -15.09 15.94 -18.77
N GLN C 201 -16.12 16.75 -18.92
CA GLN C 201 -17.39 16.45 -19.65
C GLN C 201 -17.76 17.71 -20.44
N LYS C 202 -18.04 17.58 -21.74
CA LYS C 202 -18.76 18.60 -22.53
C LYS C 202 -20.09 18.03 -22.97
N SER C 203 -21.16 18.78 -22.71
CA SER C 203 -22.56 18.36 -22.95
C SER C 203 -23.14 19.11 -24.15
N LEU C 204 -24.10 18.47 -24.82
CA LEU C 204 -24.64 18.88 -26.14
C LEU C 204 -26.10 18.44 -26.22
N SER C 205 -27.01 19.36 -26.56
CA SER C 205 -28.46 19.09 -26.70
C SER C 205 -29.08 20.03 -27.75
N LEU C 206 -29.97 19.51 -28.59
CA LEU C 206 -30.68 20.28 -29.65
C LEU C 206 -31.27 21.55 -29.04
N SER C 207 -30.91 22.72 -29.60
CA SER C 207 -31.27 24.07 -29.11
C SER C 207 -32.69 24.43 -29.59
C1 NAG D . 1.44 -17.86 -35.43
C2 NAG D . 1.94 -16.60 -36.08
C3 NAG D . 2.39 -15.69 -34.96
C4 NAG D . 1.08 -15.16 -34.38
C5 NAG D . 0.22 -16.34 -33.87
C6 NAG D . -1.24 -15.94 -33.63
C7 NAG D . 2.62 -16.72 -38.45
C8 NAG D . 1.20 -16.42 -38.90
N2 NAG D . 2.92 -16.83 -37.14
O3 NAG D . 3.23 -14.63 -35.43
O4 NAG D . 1.28 -14.24 -33.29
O5 NAG D . 0.24 -17.50 -34.73
O6 NAG D . -1.72 -15.14 -34.64
O7 NAG D . 3.50 -16.82 -39.30
C1 NAG D . 1.32 -12.85 -33.68
C2 NAG D . 0.83 -11.96 -32.53
C3 NAG D . 0.90 -10.48 -32.88
C4 NAG D . 2.22 -10.09 -33.58
C5 NAG D . 2.72 -11.15 -34.56
C6 NAG D . 4.16 -10.89 -34.95
C7 NAG D . -0.90 -12.59 -30.88
C8 NAG D . -2.39 -12.75 -30.65
N2 NAG D . -0.55 -12.22 -32.12
O3 NAG D . 0.72 -9.76 -31.64
O4 NAG D . 2.04 -8.87 -34.31
O5 NAG D . 2.65 -12.45 -34.01
O6 NAG D . 4.49 -11.69 -36.09
O7 NAG D . -0.10 -12.78 -29.97
C1 BMA D . 2.29 -7.68 -33.52
C2 BMA D . 3.22 -6.75 -34.30
C3 BMA D . 3.30 -5.35 -33.70
C4 BMA D . 1.94 -4.81 -33.24
C5 BMA D . 1.22 -5.86 -32.39
C6 BMA D . -0.16 -5.43 -31.90
O2 BMA D . 2.78 -6.63 -35.66
O3 BMA D . 3.80 -4.52 -34.75
O4 BMA D . 2.12 -3.60 -32.50
O5 BMA D . 1.06 -7.02 -33.20
O6 BMA D . -0.77 -6.59 -31.30
C1 MAN D . -2.07 -6.32 -30.72
C2 MAN D . -2.46 -7.38 -29.69
C3 MAN D . -2.74 -8.73 -30.34
C4 MAN D . -3.92 -8.54 -31.31
C5 MAN D . -3.70 -7.37 -32.28
C6 MAN D . -5.01 -6.93 -32.90
O2 MAN D . -3.67 -6.99 -29.02
O3 MAN D . -3.06 -9.70 -29.35
O4 MAN D . -4.13 -9.77 -32.02
O5 MAN D . -3.12 -6.18 -31.70
O6 MAN D . -4.71 -5.90 -33.84
C1 NAG D . -3.36 -6.25 -27.82
C2 NAG D . -4.49 -5.28 -27.48
C3 NAG D . -4.31 -4.69 -26.08
C4 NAG D . -3.70 -5.66 -25.04
C5 NAG D . -2.61 -6.52 -25.63
C6 NAG D . -2.12 -7.62 -24.69
C7 NAG D . -5.38 -4.19 -29.53
C8 NAG D . -5.29 -3.01 -30.46
N2 NAG D . -4.55 -4.21 -28.47
O3 NAG D . -5.60 -4.25 -25.63
O4 NAG D . -3.11 -4.94 -23.94
O5 NAG D . -3.13 -7.17 -26.78
O6 NAG D . -3.17 -8.56 -24.41
O7 NAG D . -6.19 -5.08 -29.72
C1 GAL D . -3.60 -5.43 -22.66
C2 GAL D . -3.17 -4.44 -21.57
C3 GAL D . -3.81 -4.74 -20.21
C4 GAL D . -5.29 -5.14 -20.29
C5 GAL D . -5.54 -6.16 -21.42
C6 GAL D . -7.02 -6.55 -21.54
O2 GAL D . -1.74 -4.44 -21.39
O3 GAL D . -3.61 -3.59 -19.36
O4 GAL D . -6.11 -3.97 -20.46
O5 GAL D . -5.02 -5.63 -22.66
O6 GAL D . -7.53 -6.41 -22.88
C1 MAN D . 4.86 -3.65 -34.34
C2 MAN D . 4.90 -2.54 -35.38
C3 MAN D . 5.28 -3.14 -36.73
C4 MAN D . 6.62 -3.85 -36.61
C5 MAN D . 6.61 -4.86 -35.46
C6 MAN D . 8.01 -5.47 -35.29
O2 MAN D . 5.87 -1.55 -34.99
O3 MAN D . 5.38 -2.13 -37.73
O4 MAN D . 6.88 -4.54 -37.83
O5 MAN D . 6.16 -4.26 -34.24
O6 MAN D . 8.15 -6.05 -33.98
C1 NAG D . 5.30 -0.64 -34.04
C2 NAG D . 6.44 -0.14 -33.13
C3 NAG D . 5.84 0.89 -32.16
C4 NAG D . 5.08 2.00 -32.90
C5 NAG D . 4.01 1.42 -33.83
C6 NAG D . 3.33 2.46 -34.72
C7 NAG D . 8.17 -1.91 -32.80
C8 NAG D . 8.56 -3.08 -31.95
N2 NAG D . 7.06 -1.26 -32.42
O3 NAG D . 6.88 1.45 -31.34
O4 NAG D . 4.50 2.92 -31.96
O5 NAG D . 4.60 0.43 -34.69
O6 NAG D . 3.00 3.66 -33.99
O7 NAG D . 8.85 -1.59 -33.77
C1 FUC D . -2.79 -15.66 -34.01
C2 FUC D . -3.06 -14.39 -34.74
C3 FUC D . -3.64 -14.62 -36.14
C4 FUC D . -4.91 -15.46 -36.09
C5 FUC D . -4.87 -16.52 -34.97
C6 FUC D . -5.73 -16.17 -33.75
O2 FUC D . -1.82 -13.68 -34.86
O3 FUC D . -3.90 -13.35 -36.76
O4 FUC D . -6.05 -14.59 -35.97
O5 FUC D . -3.51 -16.77 -34.56
#